data_4NIL
#
_entry.id   4NIL
#
_cell.length_a   99.739
_cell.length_b   99.739
_cell.length_c   263.296
_cell.angle_alpha   90.000
_cell.angle_beta   90.000
_cell.angle_gamma   120.000
#
_symmetry.space_group_name_H-M   'P 62 2 2'
#
loop_
_entity.id
_entity.type
_entity.pdbx_description
1 polymer 'Dihydropteroate Synthase'
2 non-polymer 'SULFATE ION'
3 non-polymer 4-[(trifluoromethyl)sulfanyl]benzamide
4 water water
#
_entity_poly.entity_id   1
_entity_poly.type   'polypeptide(L)'
_entity_poly.pdbx_seq_one_letter_code
;MGSSHHHHHHSSGLVPRGSHMKWDYDLRCGEYTLNLNEKTLIMGILNVTPDSFSDGGSYNEVDAAVRHAKEMRDEGAHII
DIGGESTRPGFAKVSVEEEIKRVVPMIQAVSKEVKLPISIDTYKAEVAKQAIEAGAHIINDIWGAKAEPKIAEVAAHYDV
PIILMHNRDNMNYRNLMADMIADLYDSIKIAKDAGVRDENIILDPGIGFAKTPEQNLEAMRNLEQLNVLGYPVLLGTSRK
SFIGHVLDLPVEERLEGTGATVCLGIEKGCEFVRVHDVKEMSRMAKMMDAMIGKGVK
;
_entity_poly.pdbx_strand_id   A,B
#
loop_
_chem_comp.id
_chem_comp.type
_chem_comp.name
_chem_comp.formula
2O8 non-polymer 4-[(trifluoromethyl)sulfanyl]benzamide 'C8 H6 F3 N O S'
SO4 non-polymer 'SULFATE ION' 'O4 S -2'
#
# COMPACT_ATOMS: atom_id res chain seq x y z
N MET A 21 23.63 0.20 34.64
CA MET A 21 24.17 1.30 35.43
C MET A 21 24.81 2.37 34.57
N LYS A 22 25.45 1.96 33.48
CA LYS A 22 26.21 2.88 32.63
C LYS A 22 25.43 4.13 32.19
N TRP A 23 24.15 3.96 31.84
CA TRP A 23 23.32 5.10 31.43
C TRP A 23 22.24 5.36 32.45
N ASP A 24 22.04 6.62 32.81
CA ASP A 24 21.07 6.96 33.85
C ASP A 24 19.87 7.71 33.29
N TYR A 25 19.73 7.66 31.96
CA TYR A 25 18.54 8.18 31.32
C TYR A 25 18.14 7.25 30.18
N ASP A 26 16.85 7.31 29.81
CA ASP A 26 16.34 6.60 28.64
C ASP A 26 16.28 7.55 27.47
N LEU A 27 16.47 7.00 26.26
CA LEU A 27 16.33 7.78 25.04
C LEU A 27 14.85 8.07 24.81
N ARG A 28 14.46 9.35 24.84
CA ARG A 28 13.07 9.73 24.62
C ARG A 28 12.78 9.98 23.15
N CYS A 29 12.06 9.04 22.53
CA CYS A 29 11.70 9.15 21.13
C CYS A 29 10.21 9.44 20.97
N GLY A 30 9.81 10.65 21.36
CA GLY A 30 8.41 11.02 21.32
C GLY A 30 7.58 10.09 22.18
N GLU A 31 6.92 9.13 21.55
CA GLU A 31 6.04 8.20 22.26
C GLU A 31 6.66 6.83 22.53
N TYR A 32 7.85 6.61 21.98
CA TYR A 32 8.59 5.39 22.31
C TYR A 32 9.78 5.74 23.20
N THR A 33 10.15 4.81 24.07
CA THR A 33 11.28 4.99 24.97
C THR A 33 12.30 3.88 24.72
N LEU A 34 13.56 4.25 24.61
CA LEU A 34 14.62 3.28 24.38
C LEU A 34 15.60 3.18 25.56
N ASN A 35 15.55 2.06 26.28
CA ASN A 35 16.50 1.80 27.35
C ASN A 35 17.85 1.44 26.74
N LEU A 36 18.90 2.10 27.21
CA LEU A 36 20.24 1.92 26.65
C LEU A 36 21.07 0.89 27.41
N ASN A 37 20.49 0.27 28.44
CA ASN A 37 21.25 -0.63 29.30
C ASN A 37 20.89 -2.11 29.16
N GLU A 38 19.64 -2.38 28.77
CA GLU A 38 19.13 -3.75 28.76
C GLU A 38 19.70 -4.58 27.60
N LYS A 39 20.01 -3.93 26.48
CA LYS A 39 20.39 -4.66 25.26
C LYS A 39 20.85 -3.73 24.16
N THR A 40 21.64 -4.26 23.23
CA THR A 40 22.04 -3.51 22.05
C THR A 40 20.82 -3.31 21.17
N LEU A 41 20.62 -2.06 20.75
CA LEU A 41 19.43 -1.71 19.96
C LEU A 41 19.73 -1.86 18.47
N ILE A 42 18.82 -2.50 17.74
CA ILE A 42 19.05 -2.77 16.33
C ILE A 42 18.26 -1.80 15.47
N MET A 43 18.95 -0.99 14.70
CA MET A 43 18.32 -0.08 13.75
C MET A 43 18.37 -0.70 12.36
N GLY A 44 17.19 -0.99 11.80
CA GLY A 44 17.10 -1.64 10.51
C GLY A 44 17.09 -0.64 9.37
N ILE A 45 17.85 -0.93 8.32
CA ILE A 45 17.98 -0.01 7.21
C ILE A 45 16.90 -0.22 6.14
N LEU A 46 16.17 0.85 5.86
CA LEU A 46 15.17 0.87 4.79
C LEU A 46 15.58 1.94 3.77
N ASN A 47 15.93 1.50 2.57
CA ASN A 47 16.15 2.44 1.47
C ASN A 47 14.93 2.44 0.54
N VAL A 48 14.54 3.64 0.11
CA VAL A 48 13.44 3.77 -0.84
C VAL A 48 13.77 3.03 -2.14
N THR A 49 12.78 2.35 -2.71
CA THR A 49 12.90 1.87 -4.07
C THR A 49 12.07 2.83 -4.91
N PRO A 50 12.73 3.85 -5.48
CA PRO A 50 12.02 4.91 -6.21
C PRO A 50 11.25 4.37 -7.41
N ASP A 51 10.02 4.85 -7.55
CA ASP A 51 9.24 4.58 -8.75
C ASP A 51 9.65 5.58 -9.82
N SER A 52 9.95 5.08 -11.02
CA SER A 52 10.10 5.95 -12.18
C SER A 52 8.71 6.47 -12.51
N PHE A 53 8.64 7.54 -13.30
CA PHE A 53 7.38 8.21 -13.64
C PHE A 53 6.73 9.07 -12.54
N SER A 54 6.92 8.73 -11.26
CA SER A 54 6.33 9.51 -10.18
C SER A 54 7.41 10.11 -9.26
N ASP A 55 7.04 11.16 -8.51
CA ASP A 55 7.97 11.83 -7.62
C ASP A 55 7.89 11.28 -6.21
N GLY A 56 7.00 10.30 -6.01
CA GLY A 56 6.77 9.74 -4.68
C GLY A 56 5.30 9.56 -4.35
N GLY A 57 5.03 8.78 -3.31
CA GLY A 57 3.68 8.57 -2.84
C GLY A 57 2.91 7.41 -3.47
N SER A 58 3.31 6.98 -4.66
CA SER A 58 2.66 5.88 -5.36
C SER A 58 2.56 4.64 -4.48
N TYR A 59 1.57 3.81 -4.78
CA TYR A 59 1.26 2.66 -3.96
C TYR A 59 2.36 1.61 -3.89
N ASN A 60 3.00 1.30 -5.01
CA ASN A 60 3.97 0.21 -5.01
C ASN A 60 5.24 0.59 -4.27
N GLU A 61 5.65 1.83 -4.46
CA GLU A 61 6.83 2.36 -3.81
C GLU A 61 6.60 2.33 -2.29
N VAL A 62 5.53 2.96 -1.84
CA VAL A 62 5.23 3.07 -0.41
C VAL A 62 4.93 1.72 0.23
N ASP A 63 4.22 0.86 -0.48
CA ASP A 63 3.83 -0.44 0.08
C ASP A 63 5.00 -1.39 0.18
N ALA A 64 5.96 -1.28 -0.73
CA ALA A 64 7.20 -2.05 -0.60
C ALA A 64 7.98 -1.58 0.62
N ALA A 65 7.92 -0.28 0.88
CA ALA A 65 8.56 0.31 2.04
C ALA A 65 7.92 -0.21 3.34
N VAL A 66 6.59 -0.25 3.36
CA VAL A 66 5.88 -0.76 4.54
C VAL A 66 6.14 -2.24 4.78
N ARG A 67 6.04 -3.04 3.73
CA ARG A 67 6.32 -4.47 3.86
C ARG A 67 7.74 -4.74 4.35
N HIS A 68 8.69 -3.95 3.86
CA HIS A 68 10.07 -4.10 4.31
C HIS A 68 10.19 -3.75 5.78
N ALA A 69 9.49 -2.69 6.19
CA ALA A 69 9.55 -2.22 7.56
C ALA A 69 8.99 -3.29 8.50
N LYS A 70 7.86 -3.85 8.11
CA LYS A 70 7.19 -4.92 8.87
C LYS A 70 8.04 -6.18 9.01
N GLU A 71 8.71 -6.57 7.93
CA GLU A 71 9.65 -7.68 7.96
C GLU A 71 10.77 -7.41 8.99
N MET A 72 11.29 -6.19 8.99
CA MET A 72 12.38 -5.86 9.89
C MET A 72 11.91 -5.80 11.33
N ARG A 73 10.70 -5.29 11.54
CA ARG A 73 10.12 -5.29 12.87
C ARG A 73 9.97 -6.71 13.40
N ASP A 74 9.55 -7.65 12.54
CA ASP A 74 9.41 -9.04 12.95
C ASP A 74 10.76 -9.70 13.20
N GLU A 75 11.79 -9.27 12.47
CA GLU A 75 13.11 -9.87 12.60
C GLU A 75 13.89 -9.37 13.80
N GLY A 76 13.33 -8.40 14.52
CA GLY A 76 13.90 -7.95 15.77
C GLY A 76 14.45 -6.53 15.78
N ALA A 77 14.09 -5.73 14.79
CA ALA A 77 14.54 -4.34 14.71
C ALA A 77 13.89 -3.48 15.80
N HIS A 78 14.66 -2.55 16.37
CA HIS A 78 14.11 -1.64 17.39
C HIS A 78 13.85 -0.26 16.83
N ILE A 79 14.53 0.05 15.73
CA ILE A 79 14.39 1.33 15.05
C ILE A 79 14.36 1.08 13.54
N ILE A 80 13.55 1.84 12.82
CA ILE A 80 13.57 1.79 11.36
C ILE A 80 14.22 3.06 10.82
N ASP A 81 15.29 2.89 10.03
CA ASP A 81 15.99 4.01 9.43
C ASP A 81 15.58 4.22 7.97
N ILE A 82 15.04 5.40 7.67
CA ILE A 82 14.44 5.68 6.37
C ILE A 82 15.23 6.70 5.57
N GLY A 83 15.78 6.29 4.44
CA GLY A 83 16.58 7.18 3.62
C GLY A 83 16.01 7.46 2.24
N GLY A 84 16.17 8.70 1.78
CA GLY A 84 15.77 9.07 0.44
C GLY A 84 16.92 8.88 -0.54
N GLU A 85 16.79 9.52 -1.70
CA GLU A 85 17.77 9.35 -2.78
C GLU A 85 19.06 10.15 -2.57
N SER A 86 18.96 11.34 -1.96
CA SER A 86 20.13 12.18 -1.77
C SER A 86 21.13 11.62 -0.76
N THR A 87 20.64 10.79 0.15
CA THR A 87 21.52 10.15 1.14
C THR A 87 22.15 8.88 0.57
N ARG A 88 22.87 8.15 1.44
CA ARG A 88 23.50 6.89 1.09
C ARG A 88 22.46 5.79 0.77
N PRO A 89 22.83 4.83 -0.08
CA PRO A 89 24.10 4.79 -0.81
C PRO A 89 24.04 5.54 -2.15
N GLY A 90 22.87 6.05 -2.49
CA GLY A 90 22.67 6.71 -3.78
C GLY A 90 23.48 7.98 -3.98
N PHE A 91 23.32 8.94 -3.06
CA PHE A 91 23.93 10.27 -3.16
C PHE A 91 23.61 11.02 -4.47
N ALA A 92 22.40 10.81 -5.01
CA ALA A 92 21.97 11.52 -6.21
C ALA A 92 21.68 12.99 -5.93
N LYS A 93 21.86 13.85 -6.92
CA LYS A 93 21.54 15.27 -6.75
C LYS A 93 20.04 15.51 -6.92
N VAL A 94 19.34 15.60 -5.80
CA VAL A 94 17.92 15.93 -5.80
C VAL A 94 17.66 17.13 -4.88
N SER A 95 16.75 18.00 -5.28
CA SER A 95 16.42 19.16 -4.47
C SER A 95 15.58 18.70 -3.30
N VAL A 96 15.42 19.58 -2.32
CA VAL A 96 14.69 19.21 -1.12
C VAL A 96 13.20 19.13 -1.38
N GLU A 97 12.70 19.89 -2.36
CA GLU A 97 11.27 19.89 -2.66
C GLU A 97 10.82 18.54 -3.18
N GLU A 98 11.70 17.86 -3.92
CA GLU A 98 11.37 16.54 -4.45
C GLU A 98 11.63 15.44 -3.45
N GLU A 99 12.72 15.56 -2.69
CA GLU A 99 13.06 14.56 -1.68
C GLU A 99 11.96 14.48 -0.63
N ILE A 100 11.29 15.59 -0.41
CA ILE A 100 10.17 15.63 0.52
C ILE A 100 8.99 14.84 -0.06
N LYS A 101 8.67 15.11 -1.32
CA LYS A 101 7.63 14.37 -2.04
C LYS A 101 7.76 12.86 -1.92
N ARG A 102 8.99 12.38 -1.89
CA ARG A 102 9.28 10.95 -1.80
C ARG A 102 9.35 10.43 -0.37
N VAL A 103 10.06 11.14 0.50
CA VAL A 103 10.37 10.59 1.82
C VAL A 103 9.20 10.75 2.80
N VAL A 104 8.39 11.78 2.60
CA VAL A 104 7.26 12.02 3.49
C VAL A 104 6.13 10.98 3.44
N PRO A 105 5.67 10.57 2.23
CA PRO A 105 4.66 9.51 2.18
C PRO A 105 5.12 8.19 2.80
N MET A 106 6.42 7.90 2.73
CA MET A 106 6.94 6.68 3.34
C MET A 106 6.87 6.78 4.85
N ILE A 107 7.18 7.96 5.36
CA ILE A 107 7.23 8.19 6.81
C ILE A 107 5.82 8.22 7.40
N GLN A 108 4.85 8.73 6.64
CA GLN A 108 3.45 8.73 7.09
C GLN A 108 2.88 7.32 7.17
N ALA A 109 3.24 6.47 6.22
CA ALA A 109 2.69 5.13 6.16
C ALA A 109 3.38 4.20 7.15
N VAL A 110 4.71 4.20 7.14
CA VAL A 110 5.47 3.37 8.09
C VAL A 110 5.15 3.72 9.54
N SER A 111 5.05 5.00 9.85
CA SER A 111 4.81 5.38 11.23
C SER A 111 3.41 4.96 11.63
N LYS A 112 2.52 4.87 10.65
CA LYS A 112 1.13 4.52 10.90
C LYS A 112 0.97 3.04 11.29
N GLU A 113 1.65 2.15 10.57
CA GLU A 113 1.38 0.70 10.65
C GLU A 113 2.59 -0.13 11.11
N VAL A 114 3.65 0.54 11.55
CA VAL A 114 4.76 -0.13 12.23
C VAL A 114 5.12 0.65 13.51
N LYS A 115 4.68 0.15 14.66
CA LYS A 115 4.90 0.84 15.94
C LYS A 115 6.32 0.68 16.45
N LEU A 116 7.24 1.41 15.82
CA LEU A 116 8.64 1.48 16.20
C LEU A 116 9.08 2.91 15.98
N PRO A 117 10.11 3.36 16.71
CA PRO A 117 10.65 4.69 16.40
C PRO A 117 11.29 4.71 15.01
N ILE A 118 11.11 5.82 14.32
CA ILE A 118 11.62 5.97 12.96
C ILE A 118 12.67 7.08 12.88
N SER A 119 13.83 6.77 12.32
CA SER A 119 14.82 7.81 12.10
C SER A 119 14.87 8.20 10.63
N ILE A 120 14.99 9.50 10.38
CA ILE A 120 15.15 10.02 9.04
C ILE A 120 16.62 10.16 8.70
N ASP A 121 17.05 9.55 7.60
CA ASP A 121 18.44 9.62 7.18
C ASP A 121 18.68 10.81 6.24
N THR A 122 19.02 11.96 6.80
CA THR A 122 19.23 13.17 5.99
C THR A 122 20.24 14.10 6.64
N TYR A 123 20.94 14.89 5.84
CA TYR A 123 21.78 15.96 6.38
C TYR A 123 21.16 17.32 6.10
N LYS A 124 19.93 17.30 5.58
CA LYS A 124 19.26 18.53 5.17
C LYS A 124 18.21 18.95 6.20
N ALA A 125 18.26 20.21 6.58
CA ALA A 125 17.41 20.72 7.66
C ALA A 125 15.94 20.64 7.33
N GLU A 126 15.57 21.16 6.15
CA GLU A 126 14.17 21.16 5.75
C GLU A 126 13.61 19.74 5.59
N VAL A 127 14.42 18.83 5.07
CA VAL A 127 14.01 17.44 4.96
C VAL A 127 13.81 16.81 6.34
N ALA A 128 14.73 17.07 7.27
CA ALA A 128 14.59 16.56 8.62
C ALA A 128 13.32 17.09 9.26
N LYS A 129 13.07 18.37 9.03
CA LYS A 129 11.93 19.05 9.61
C LYS A 129 10.60 18.44 9.12
N GLN A 130 10.49 18.23 7.81
CA GLN A 130 9.28 17.63 7.23
C GLN A 130 9.08 16.20 7.71
N ALA A 131 10.16 15.43 7.69
CA ALA A 131 10.16 14.06 8.19
C ALA A 131 9.58 13.94 9.60
N ILE A 132 9.90 14.89 10.47
CA ILE A 132 9.45 14.81 11.86
C ILE A 132 7.97 15.17 11.99
N GLU A 133 7.51 16.09 11.15
CA GLU A 133 6.12 16.45 11.14
C GLU A 133 5.31 15.30 10.56
N ALA A 134 5.83 14.72 9.48
CA ALA A 134 5.30 13.49 8.92
C ALA A 134 5.28 12.36 9.94
N GLY A 135 6.14 12.41 10.94
CA GLY A 135 6.12 11.42 12.01
C GLY A 135 7.42 10.70 12.36
N ALA A 136 8.54 11.15 11.80
CA ALA A 136 9.85 10.62 12.22
C ALA A 136 10.16 11.08 13.65
N HIS A 137 10.93 10.26 14.37
CA HIS A 137 11.22 10.49 15.78
C HIS A 137 12.67 10.88 16.04
N ILE A 138 13.58 10.40 15.19
CA ILE A 138 15.01 10.62 15.39
C ILE A 138 15.59 11.16 14.09
N ILE A 139 16.55 12.07 14.20
CA ILE A 139 17.32 12.53 13.04
C ILE A 139 18.64 11.80 12.98
N ASN A 140 19.04 11.38 11.78
CA ASN A 140 20.29 10.66 11.54
C ASN A 140 21.10 11.38 10.46
N ASP A 141 22.18 12.03 10.87
CA ASP A 141 22.91 12.94 9.99
C ASP A 141 24.33 12.45 9.67
N ILE A 142 24.56 12.19 8.40
CA ILE A 142 25.85 11.67 7.93
C ILE A 142 26.92 12.76 7.88
N TRP A 143 26.50 14.01 8.04
CA TRP A 143 27.46 15.12 8.05
C TRP A 143 27.63 15.77 9.42
N GLY A 144 27.01 15.20 10.44
CA GLY A 144 27.23 15.65 11.80
C GLY A 144 26.91 17.12 11.99
N ALA A 145 25.81 17.56 11.37
CA ALA A 145 25.33 18.93 11.48
C ALA A 145 26.27 19.97 10.90
N LYS A 146 27.27 19.54 10.15
CA LYS A 146 28.22 20.47 9.56
C LYS A 146 27.81 20.93 8.15
N ALA A 147 27.10 20.08 7.41
CA ALA A 147 26.66 20.43 6.06
C ALA A 147 25.54 21.48 6.11
N GLU A 148 24.55 21.23 6.96
CA GLU A 148 23.51 22.23 7.23
C GLU A 148 23.30 22.41 8.74
N PRO A 149 24.03 23.38 9.33
CA PRO A 149 23.95 23.58 10.78
C PRO A 149 22.54 23.81 11.29
N LYS A 150 21.67 24.40 10.47
CA LYS A 150 20.26 24.58 10.85
C LYS A 150 19.55 23.29 11.23
N ILE A 151 20.09 22.15 10.81
CA ILE A 151 19.49 20.87 11.17
C ILE A 151 19.53 20.70 12.69
N ALA A 152 20.53 21.30 13.32
CA ALA A 152 20.69 21.17 14.75
C ALA A 152 19.56 21.91 15.42
N GLU A 153 19.24 23.09 14.90
CA GLU A 153 18.07 23.85 15.39
C GLU A 153 16.75 23.09 15.22
N VAL A 154 16.59 22.42 14.08
CA VAL A 154 15.38 21.62 13.83
C VAL A 154 15.24 20.59 14.94
N ALA A 155 16.34 19.90 15.24
CA ALA A 155 16.37 18.93 16.32
C ALA A 155 16.08 19.57 17.68
N ALA A 156 16.66 20.74 17.93
CA ALA A 156 16.46 21.41 19.21
C ALA A 156 15.00 21.80 19.35
N HIS A 157 14.45 22.41 18.31
CA HIS A 157 13.04 22.80 18.31
C HIS A 157 12.09 21.65 18.62
N TYR A 158 12.21 20.56 17.88
CA TYR A 158 11.30 19.42 18.03
C TYR A 158 11.65 18.51 19.21
N ASP A 159 12.81 18.75 19.81
CA ASP A 159 13.27 17.98 20.98
C ASP A 159 13.43 16.50 20.63
N VAL A 160 14.12 16.22 19.53
CA VAL A 160 14.37 14.85 19.10
C VAL A 160 15.85 14.44 19.18
N PRO A 161 16.09 13.12 19.36
CA PRO A 161 17.47 12.61 19.34
C PRO A 161 18.11 12.86 18.00
N ILE A 162 19.36 13.32 17.98
CA ILE A 162 20.08 13.47 16.73
C ILE A 162 21.38 12.69 16.73
N ILE A 163 21.55 11.86 15.69
CA ILE A 163 22.77 11.09 15.53
C ILE A 163 23.78 11.92 14.74
N LEU A 164 24.96 12.12 15.33
CA LEU A 164 25.98 12.92 14.67
C LEU A 164 27.05 11.98 14.19
N MET A 165 27.23 11.89 12.89
CA MET A 165 28.21 10.95 12.36
C MET A 165 29.50 11.65 12.02
N HIS A 166 30.63 10.97 12.28
CA HIS A 166 31.91 11.44 11.79
C HIS A 166 32.00 11.41 10.27
N ASN A 167 32.40 12.53 9.69
CA ASN A 167 32.58 12.61 8.25
C ASN A 167 33.40 13.88 7.97
N ARG A 168 34.26 13.81 6.97
CA ARG A 168 34.93 14.99 6.45
C ARG A 168 35.03 14.87 4.93
N ASP A 169 35.51 15.92 4.27
CA ASP A 169 35.59 15.92 2.82
C ASP A 169 37.00 15.54 2.36
N ASN A 170 37.79 15.01 3.28
CA ASN A 170 39.18 14.65 2.97
C ASN A 170 39.70 13.48 3.79
N MET A 171 40.90 13.03 3.43
CA MET A 171 41.48 11.81 3.99
C MET A 171 42.66 12.13 4.88
N ASN A 172 42.88 13.42 5.14
CA ASN A 172 44.13 13.88 5.74
C ASN A 172 44.20 13.92 7.27
N TYR A 173 44.54 12.79 7.86
CA TYR A 173 44.57 12.66 9.29
C TYR A 173 45.99 12.74 9.82
N ARG A 174 46.20 13.59 10.81
CA ARG A 174 47.45 13.59 11.56
C ARG A 174 47.43 12.34 12.40
N ASN A 175 46.35 12.18 13.16
CA ASN A 175 46.19 11.04 14.05
C ASN A 175 44.73 10.61 14.06
N LEU A 176 44.43 9.56 13.31
CA LEU A 176 43.06 9.13 13.01
C LEU A 176 42.09 9.31 14.16
N MET A 177 42.34 8.58 15.25
CA MET A 177 41.43 8.60 16.38
C MET A 177 41.31 9.95 17.03
N ALA A 178 42.44 10.63 17.24
CA ALA A 178 42.38 11.95 17.88
C ALA A 178 41.65 12.91 16.97
N ASP A 179 41.90 12.76 15.67
CA ASP A 179 41.22 13.60 14.67
C ASP A 179 39.72 13.33 14.63
N MET A 180 39.33 12.06 14.74
CA MET A 180 37.91 11.69 14.81
C MET A 180 37.21 12.26 16.05
N ILE A 181 37.84 12.15 17.22
CA ILE A 181 37.21 12.65 18.44
C ILE A 181 37.10 14.17 18.34
N ALA A 182 38.14 14.81 17.81
CA ALA A 182 38.11 16.25 17.61
C ALA A 182 36.96 16.63 16.67
N ASP A 183 36.97 16.05 15.47
CA ASP A 183 35.89 16.27 14.51
C ASP A 183 34.51 16.09 15.13
N LEU A 184 34.34 15.02 15.89
CA LEU A 184 33.03 14.76 16.50
C LEU A 184 32.63 15.82 17.50
N TYR A 185 33.56 16.19 18.38
CA TYR A 185 33.23 17.21 19.36
C TYR A 185 32.84 18.53 18.68
N ASP A 186 33.51 18.90 17.58
CA ASP A 186 33.03 20.02 16.75
C ASP A 186 31.55 19.85 16.39
N SER A 187 31.10 18.62 16.15
CA SER A 187 29.69 18.41 15.85
C SER A 187 28.88 18.65 17.12
N ILE A 188 29.36 18.13 18.26
CA ILE A 188 28.63 18.27 19.51
C ILE A 188 28.43 19.75 19.86
N LYS A 189 29.48 20.55 19.65
CA LYS A 189 29.42 22.00 19.87
C LYS A 189 28.31 22.69 19.06
N ILE A 190 28.19 22.32 17.78
CA ILE A 190 27.19 22.91 16.90
C ILE A 190 25.80 22.55 17.37
N ALA A 191 25.66 21.29 17.80
CA ALA A 191 24.39 20.77 18.29
C ALA A 191 23.98 21.48 19.57
N LYS A 192 24.90 21.56 20.52
CA LYS A 192 24.58 22.14 21.82
C LYS A 192 24.41 23.65 21.77
N ASP A 193 25.18 24.32 20.93
CA ASP A 193 24.97 25.75 20.69
C ASP A 193 23.59 26.03 20.12
N ALA A 194 22.99 25.02 19.48
CA ALA A 194 21.65 25.19 18.90
C ALA A 194 20.57 24.95 19.94
N GLY A 195 20.93 24.31 21.04
CA GLY A 195 19.98 24.06 22.11
C GLY A 195 19.65 22.60 22.29
N VAL A 196 20.40 21.73 21.62
CA VAL A 196 20.17 20.30 21.76
C VAL A 196 20.69 19.81 23.12
N ARG A 197 19.84 19.12 23.87
CA ARG A 197 20.22 18.59 25.18
C ARG A 197 21.13 17.38 25.02
N ASP A 198 22.05 17.21 25.98
CA ASP A 198 22.98 16.08 25.98
C ASP A 198 22.30 14.71 25.77
N GLU A 199 21.11 14.54 26.31
CA GLU A 199 20.41 13.25 26.26
C GLU A 199 19.92 12.94 24.85
N ASN A 200 19.82 13.98 24.04
CA ASN A 200 19.39 13.84 22.65
C ASN A 200 20.54 13.71 21.67
N ILE A 201 21.75 13.53 22.18
CA ILE A 201 22.91 13.39 21.29
C ILE A 201 23.43 11.96 21.23
N ILE A 202 23.66 11.48 20.01
CA ILE A 202 24.23 10.17 19.77
C ILE A 202 25.36 10.38 18.78
N LEU A 203 26.39 9.54 18.84
CA LEU A 203 27.52 9.68 17.95
C LEU A 203 27.71 8.41 17.15
N ASP A 204 28.34 8.55 15.99
CA ASP A 204 28.58 7.45 15.06
C ASP A 204 29.97 7.67 14.50
N PRO A 205 30.83 6.64 14.54
CA PRO A 205 32.20 6.77 14.03
C PRO A 205 32.37 6.97 12.51
N GLY A 206 31.31 6.83 11.73
CA GLY A 206 31.42 7.08 10.30
C GLY A 206 32.36 6.12 9.58
N ILE A 207 32.36 4.87 10.02
CA ILE A 207 33.08 3.81 9.33
C ILE A 207 32.60 3.74 7.88
N GLY A 208 33.53 3.65 6.95
CA GLY A 208 33.20 3.61 5.54
C GLY A 208 33.17 4.99 4.91
N PHE A 209 33.16 6.04 5.74
CA PHE A 209 33.18 7.41 5.24
C PHE A 209 34.49 8.13 5.50
N ALA A 210 35.08 8.67 4.44
CA ALA A 210 36.33 9.43 4.55
C ALA A 210 37.38 8.68 5.33
N LYS A 211 37.54 7.40 5.02
CA LYS A 211 38.58 6.56 5.62
C LYS A 211 39.06 5.52 4.61
N THR A 212 40.37 5.26 4.60
CA THR A 212 40.93 4.21 3.78
C THR A 212 40.49 2.87 4.37
N PRO A 213 40.68 1.76 3.64
CA PRO A 213 40.35 0.49 4.29
C PRO A 213 41.14 0.29 5.60
N GLU A 214 42.42 0.66 5.57
CA GLU A 214 43.30 0.52 6.73
C GLU A 214 42.81 1.36 7.91
N GLN A 215 42.38 2.58 7.63
CA GLN A 215 41.82 3.44 8.65
C GLN A 215 40.47 2.99 9.20
N ASN A 216 39.70 2.26 8.39
CA ASN A 216 38.45 1.66 8.87
C ASN A 216 38.71 0.54 9.86
N LEU A 217 39.69 -0.32 9.57
CA LEU A 217 40.09 -1.35 10.51
C LEU A 217 40.62 -0.69 11.80
N GLU A 218 41.31 0.43 11.66
CA GLU A 218 41.90 1.11 12.80
C GLU A 218 40.85 1.68 13.73
N ALA A 219 39.88 2.38 13.16
CA ALA A 219 38.77 2.91 13.93
C ALA A 219 37.98 1.82 14.64
N MET A 220 37.86 0.66 13.99
CA MET A 220 37.12 -0.45 14.60
C MET A 220 37.89 -0.94 15.81
N ARG A 221 39.19 -1.16 15.61
CA ARG A 221 40.08 -1.62 16.65
C ARG A 221 40.13 -0.68 17.87
N ASN A 222 39.95 0.63 17.64
CA ASN A 222 40.03 1.61 18.71
C ASN A 222 38.72 2.31 19.09
N LEU A 223 37.61 1.71 18.69
CA LEU A 223 36.26 2.23 18.93
C LEU A 223 35.96 2.64 20.39
N GLU A 224 36.47 1.88 21.35
CA GLU A 224 36.18 2.18 22.77
C GLU A 224 36.59 3.60 23.20
N GLN A 225 37.49 4.22 22.45
CA GLN A 225 37.90 5.59 22.74
C GLN A 225 36.76 6.58 22.64
N LEU A 226 35.78 6.29 21.78
CA LEU A 226 34.68 7.22 21.56
C LEU A 226 33.88 7.38 22.84
N ASN A 227 33.95 6.35 23.68
CA ASN A 227 33.22 6.35 24.94
C ASN A 227 33.54 7.50 25.89
N VAL A 228 34.74 8.08 25.78
CA VAL A 228 35.13 9.15 26.68
C VAL A 228 34.30 10.41 26.51
N LEU A 229 33.68 10.58 25.34
CA LEU A 229 32.87 11.79 25.14
C LEU A 229 31.58 11.74 25.96
N GLY A 230 31.22 10.55 26.43
CA GLY A 230 30.07 10.40 27.32
C GLY A 230 28.71 10.29 26.64
N TYR A 231 28.70 10.05 25.32
CA TYR A 231 27.42 9.84 24.59
C TYR A 231 27.27 8.44 24.02
N PRO A 232 26.01 7.94 23.96
CA PRO A 232 25.74 6.66 23.28
C PRO A 232 26.35 6.68 21.88
N VAL A 233 26.90 5.55 21.47
CA VAL A 233 27.52 5.42 20.15
C VAL A 233 26.70 4.46 19.28
N LEU A 234 26.41 4.88 18.05
CA LEU A 234 25.78 3.98 17.07
C LEU A 234 26.85 3.51 16.10
N LEU A 235 26.91 2.21 15.84
CA LEU A 235 27.85 1.68 14.87
C LEU A 235 27.14 1.27 13.56
N GLY A 236 27.66 1.73 12.43
CA GLY A 236 27.08 1.38 11.14
C GLY A 236 28.13 0.88 10.16
N THR A 237 28.29 -0.44 10.09
CA THR A 237 29.29 -1.06 9.22
C THR A 237 28.70 -2.02 8.17
N SER A 238 27.36 -2.12 8.13
CA SER A 238 26.70 -3.16 7.35
C SER A 238 27.11 -3.20 5.88
N ARG A 239 27.75 -4.29 5.47
CA ARG A 239 28.03 -4.60 4.07
C ARG A 239 29.00 -3.63 3.43
N LYS A 240 29.61 -2.80 4.27
CA LYS A 240 30.51 -1.75 3.80
C LYS A 240 31.69 -2.32 3.03
N SER A 241 32.25 -1.47 2.19
CA SER A 241 33.37 -1.82 1.33
C SER A 241 34.59 -2.43 2.02
N PHE A 242 34.91 -1.99 3.24
CA PHE A 242 36.15 -2.46 3.89
C PHE A 242 36.09 -3.94 4.24
N ILE A 243 34.89 -4.39 4.61
CA ILE A 243 34.63 -5.81 4.83
C ILE A 243 34.93 -6.57 3.55
N GLY A 244 34.47 -6.03 2.43
CA GLY A 244 34.75 -6.63 1.14
C GLY A 244 36.23 -6.61 0.86
N HIS A 245 36.90 -5.55 1.31
CA HIS A 245 38.33 -5.41 1.04
C HIS A 245 39.15 -6.44 1.80
N VAL A 246 38.70 -6.76 3.01
CA VAL A 246 39.38 -7.76 3.83
C VAL A 246 39.10 -9.19 3.36
N LEU A 247 37.82 -9.52 3.19
CA LEU A 247 37.43 -10.88 2.84
C LEU A 247 37.52 -11.19 1.35
N ASP A 248 37.63 -10.13 0.54
CA ASP A 248 37.53 -10.25 -0.91
C ASP A 248 36.20 -10.88 -1.32
N LEU A 249 35.10 -10.21 -0.97
CA LEU A 249 33.77 -10.74 -1.19
C LEU A 249 32.81 -9.64 -1.61
N PRO A 250 31.98 -9.91 -2.62
CA PRO A 250 30.99 -8.95 -3.09
C PRO A 250 29.99 -8.60 -2.00
N VAL A 251 29.27 -7.51 -2.21
CA VAL A 251 28.32 -6.96 -1.23
C VAL A 251 27.30 -7.99 -0.71
N GLU A 252 26.94 -8.97 -1.54
CA GLU A 252 25.91 -9.91 -1.12
C GLU A 252 26.44 -11.00 -0.17
N GLU A 253 27.76 -11.18 -0.14
CA GLU A 253 28.36 -12.18 0.75
C GLU A 253 29.11 -11.59 1.95
N ARG A 254 28.55 -10.54 2.54
CA ARG A 254 29.26 -9.84 3.62
C ARG A 254 28.59 -10.01 4.98
N LEU A 255 27.74 -11.01 5.09
CA LEU A 255 27.02 -11.25 6.33
C LEU A 255 27.95 -11.56 7.52
N GLU A 256 28.90 -12.47 7.27
CA GLU A 256 29.83 -12.92 8.30
C GLU A 256 30.80 -11.80 8.71
N GLY A 257 31.20 -11.00 7.74
CA GLY A 257 32.08 -9.88 8.01
C GLY A 257 31.38 -8.79 8.78
N THR A 258 30.10 -8.56 8.48
CA THR A 258 29.32 -7.55 9.17
C THR A 258 29.11 -8.03 10.60
N GLY A 259 28.90 -9.32 10.75
CA GLY A 259 28.70 -9.92 12.04
C GLY A 259 29.90 -9.71 12.96
N ALA A 260 31.10 -9.82 12.41
CA ALA A 260 32.32 -9.63 13.18
C ALA A 260 32.34 -8.20 13.67
N THR A 261 32.09 -7.27 12.75
CA THR A 261 32.15 -5.86 13.11
C THR A 261 31.10 -5.52 14.19
N VAL A 262 29.94 -6.15 14.11
CA VAL A 262 28.92 -5.92 15.13
C VAL A 262 29.33 -6.48 16.50
N CYS A 263 29.92 -7.67 16.50
CA CYS A 263 30.35 -8.27 17.75
C CYS A 263 31.43 -7.43 18.41
N LEU A 264 32.44 -7.04 17.63
CA LEU A 264 33.53 -6.21 18.15
C LEU A 264 33.00 -4.87 18.65
N GLY A 265 32.15 -4.23 17.85
CA GLY A 265 31.50 -2.99 18.21
C GLY A 265 30.78 -3.06 19.54
N ILE A 266 30.12 -4.18 19.80
CA ILE A 266 29.36 -4.31 21.05
C ILE A 266 30.29 -4.56 22.24
N GLU A 267 31.34 -5.35 21.99
CA GLU A 267 32.36 -5.58 23.01
C GLU A 267 32.95 -4.24 23.45
N LYS A 268 33.18 -3.36 22.48
CA LYS A 268 33.72 -2.04 22.76
C LYS A 268 32.68 -1.00 23.17
N GLY A 269 31.52 -1.47 23.64
CA GLY A 269 30.55 -0.58 24.26
C GLY A 269 29.54 0.21 23.45
N CYS A 270 29.31 -0.13 22.19
CA CYS A 270 28.33 0.59 21.36
CA CYS A 270 28.34 0.61 21.37
C CYS A 270 26.90 0.28 21.79
N GLU A 271 26.03 1.28 21.68
CA GLU A 271 24.65 1.10 22.12
C GLU A 271 23.67 0.75 20.97
N PHE A 272 24.00 1.11 19.74
CA PHE A 272 23.15 0.80 18.58
C PHE A 272 24.01 0.15 17.51
N VAL A 273 23.41 -0.71 16.70
CA VAL A 273 24.05 -1.11 15.46
C VAL A 273 23.03 -0.94 14.32
N ARG A 274 23.49 -0.39 13.20
CA ARG A 274 22.65 -0.06 12.08
C ARG A 274 22.96 -1.04 10.96
N VAL A 275 22.02 -1.92 10.63
CA VAL A 275 22.31 -3.06 9.77
C VAL A 275 21.19 -3.36 8.76
N HIS A 276 21.54 -3.97 7.64
CA HIS A 276 20.54 -4.44 6.68
C HIS A 276 19.92 -5.75 7.13
N ASP A 277 20.76 -6.69 7.58
CA ASP A 277 20.32 -8.04 7.89
C ASP A 277 19.80 -8.17 9.30
N VAL A 278 18.59 -7.70 9.55
CA VAL A 278 18.10 -7.63 10.93
C VAL A 278 18.05 -8.97 11.67
N LYS A 279 17.49 -10.02 11.06
CA LYS A 279 17.42 -11.33 11.72
C LYS A 279 18.76 -11.80 12.31
N GLU A 280 19.75 -11.95 11.43
CA GLU A 280 21.06 -12.42 11.81
C GLU A 280 21.70 -11.53 12.89
N MET A 281 21.90 -10.26 12.57
CA MET A 281 22.56 -9.32 13.49
C MET A 281 21.85 -9.26 14.84
N SER A 282 20.53 -9.31 14.83
CA SER A 282 19.75 -9.32 16.07
C SER A 282 20.12 -10.52 16.96
N ARG A 283 20.26 -11.69 16.34
CA ARG A 283 20.69 -12.89 17.06
C ARG A 283 22.10 -12.77 17.63
N MET A 284 23.01 -12.19 16.87
CA MET A 284 24.39 -12.01 17.31
C MET A 284 24.48 -11.02 18.45
N ALA A 285 23.78 -9.90 18.31
CA ALA A 285 23.74 -8.90 19.36
C ALA A 285 23.22 -9.51 20.65
N LYS A 286 22.17 -10.33 20.55
CA LYS A 286 21.60 -10.90 21.76
C LYS A 286 22.56 -11.86 22.46
N MET A 287 23.34 -12.60 21.67
CA MET A 287 24.34 -13.48 22.25
C MET A 287 25.47 -12.65 22.88
N MET A 288 25.88 -11.58 22.20
CA MET A 288 26.93 -10.72 22.73
C MET A 288 26.50 -10.14 24.07
N ASP A 289 25.32 -9.51 24.10
CA ASP A 289 24.76 -8.95 25.33
C ASP A 289 24.78 -9.94 26.48
N ALA A 290 24.41 -11.18 26.21
CA ALA A 290 24.41 -12.17 27.27
C ALA A 290 25.83 -12.43 27.77
N MET A 291 26.80 -12.32 26.87
CA MET A 291 28.16 -12.66 27.24
C MET A 291 28.87 -11.53 27.99
N ILE A 292 28.80 -10.32 27.46
CA ILE A 292 29.44 -9.18 28.11
C ILE A 292 28.65 -8.70 29.32
N GLY A 293 27.48 -9.29 29.55
CA GLY A 293 26.70 -9.03 30.74
C GLY A 293 25.76 -7.83 30.67
N LYS A 294 25.46 -7.37 29.46
CA LYS A 294 24.55 -6.24 29.27
C LYS A 294 23.19 -6.49 29.94
N LYS B 22 -29.59 -27.08 -14.38
CA LYS B 22 -30.44 -26.06 -14.95
C LYS B 22 -29.66 -24.95 -15.68
N TRP B 23 -28.36 -24.85 -15.38
CA TRP B 23 -27.41 -24.19 -16.27
C TRP B 23 -26.42 -25.26 -16.72
N ASP B 24 -26.12 -25.33 -18.01
CA ASP B 24 -25.30 -26.42 -18.53
C ASP B 24 -23.84 -26.05 -18.76
N TYR B 25 -23.45 -24.87 -18.27
CA TYR B 25 -22.06 -24.47 -18.30
C TYR B 25 -21.70 -23.67 -17.07
N ASP B 26 -20.40 -23.63 -16.76
CA ASP B 26 -19.88 -22.72 -15.74
C ASP B 26 -19.41 -21.44 -16.40
N LEU B 27 -19.55 -20.35 -15.69
CA LEU B 27 -19.04 -19.07 -16.12
C LEU B 27 -17.52 -19.06 -15.92
N ARG B 28 -16.76 -18.88 -17.00
CA ARG B 28 -15.30 -18.95 -16.98
C ARG B 28 -14.64 -17.58 -16.87
N CYS B 29 -13.87 -17.35 -15.80
CA CYS B 29 -13.24 -16.06 -15.51
C CYS B 29 -11.72 -16.15 -15.41
N GLY B 30 -11.07 -16.38 -16.54
CA GLY B 30 -9.64 -16.59 -16.52
C GLY B 30 -9.33 -17.79 -15.65
N GLU B 31 -8.61 -17.54 -14.55
CA GLU B 31 -8.22 -18.62 -13.64
C GLU B 31 -9.28 -18.94 -12.61
N TYR B 32 -10.40 -18.22 -12.64
CA TYR B 32 -11.53 -18.53 -11.76
C TYR B 32 -12.73 -19.03 -12.57
N THR B 33 -13.50 -19.93 -11.98
CA THR B 33 -14.74 -20.38 -12.60
C THR B 33 -15.86 -20.17 -11.60
N LEU B 34 -17.04 -19.80 -12.09
CA LEU B 34 -18.18 -19.60 -11.21
C LEU B 34 -19.33 -20.51 -11.61
N ASN B 35 -19.69 -21.40 -10.70
CA ASN B 35 -20.81 -22.31 -10.89
C ASN B 35 -22.09 -21.52 -10.72
N LEU B 36 -22.97 -21.61 -11.72
CA LEU B 36 -24.21 -20.85 -11.71
C LEU B 36 -25.35 -21.61 -11.04
N ASN B 37 -25.08 -22.81 -10.56
CA ASN B 37 -26.15 -23.65 -10.06
C ASN B 37 -26.21 -23.76 -8.53
N GLU B 38 -25.06 -23.80 -7.88
CA GLU B 38 -25.07 -24.07 -6.44
C GLU B 38 -25.61 -22.91 -5.59
N LYS B 39 -25.37 -21.67 -6.00
CA LYS B 39 -25.79 -20.55 -5.15
C LYS B 39 -25.84 -19.26 -5.91
N THR B 40 -26.61 -18.30 -5.39
CA THR B 40 -26.60 -16.95 -5.92
C THR B 40 -25.22 -16.37 -5.69
N LEU B 41 -24.65 -15.72 -6.70
CA LEU B 41 -23.30 -15.19 -6.60
C LEU B 41 -23.33 -13.73 -6.13
N ILE B 42 -22.50 -13.40 -5.15
CA ILE B 42 -22.53 -12.06 -4.57
C ILE B 42 -21.43 -11.21 -5.17
N MET B 43 -21.82 -10.14 -5.85
CA MET B 43 -20.86 -9.17 -6.37
C MET B 43 -20.75 -7.95 -5.45
N GLY B 44 -19.55 -7.66 -4.97
CA GLY B 44 -19.36 -6.62 -3.98
C GLY B 44 -18.89 -5.32 -4.61
N ILE B 45 -19.51 -4.21 -4.23
CA ILE B 45 -19.19 -2.91 -4.80
C ILE B 45 -18.04 -2.25 -4.04
N LEU B 46 -16.87 -2.15 -4.67
CA LEU B 46 -15.69 -1.58 -4.00
C LEU B 46 -15.84 -0.08 -3.81
N ASN B 47 -15.52 0.39 -2.60
CA ASN B 47 -15.44 1.82 -2.29
C ASN B 47 -14.31 2.45 -3.07
N VAL B 48 -14.61 3.51 -3.80
CA VAL B 48 -13.63 4.05 -4.74
C VAL B 48 -12.98 5.36 -4.27
N THR B 49 -13.79 6.21 -3.62
CA THR B 49 -13.33 7.39 -2.87
C THR B 49 -12.11 8.20 -3.39
N PRO B 50 -12.36 9.23 -4.23
CA PRO B 50 -11.29 10.09 -4.72
C PRO B 50 -11.35 11.44 -4.01
N SER B 54 -4.10 14.72 -6.03
CA SER B 54 -3.69 13.37 -6.41
C SER B 54 -4.42 12.92 -7.68
N ASP B 55 -3.69 12.32 -8.63
CA ASP B 55 -4.23 11.97 -9.94
C ASP B 55 -4.64 10.51 -10.06
N GLY B 56 -4.10 9.70 -9.14
CA GLY B 56 -4.43 8.29 -9.06
C GLY B 56 -3.19 7.44 -8.80
N GLY B 57 -3.39 6.29 -8.17
CA GLY B 57 -2.30 5.35 -7.93
C GLY B 57 -1.53 5.58 -6.63
N SER B 58 -1.79 6.73 -6.00
CA SER B 58 -1.25 7.06 -4.68
C SER B 58 -1.53 5.97 -3.65
N TYR B 59 -0.66 5.86 -2.66
CA TYR B 59 -0.73 4.79 -1.69
C TYR B 59 -1.99 4.73 -0.83
N ASN B 60 -2.48 5.87 -0.39
CA ASN B 60 -3.61 5.87 0.53
C ASN B 60 -4.91 5.43 -0.13
N GLU B 61 -5.09 5.78 -1.39
CA GLU B 61 -6.32 5.45 -2.07
C GLU B 61 -6.31 3.96 -2.47
N VAL B 62 -5.18 3.52 -3.04
CA VAL B 62 -5.07 2.14 -3.50
C VAL B 62 -5.07 1.17 -2.33
N ASP B 63 -4.51 1.58 -1.20
CA ASP B 63 -4.52 0.74 -0.01
C ASP B 63 -5.91 0.67 0.64
N ALA B 64 -6.65 1.77 0.62
CA ALA B 64 -8.04 1.76 1.07
C ALA B 64 -8.82 0.72 0.29
N ALA B 65 -8.56 0.69 -1.01
CA ALA B 65 -9.29 -0.18 -1.93
C ALA B 65 -8.99 -1.65 -1.68
N VAL B 66 -7.71 -2.00 -1.57
CA VAL B 66 -7.29 -3.36 -1.24
C VAL B 66 -7.94 -3.88 0.05
N ARG B 67 -7.84 -3.10 1.13
CA ARG B 67 -8.37 -3.52 2.42
C ARG B 67 -9.89 -3.60 2.42
N HIS B 68 -10.55 -2.80 1.58
CA HIS B 68 -12.00 -2.92 1.48
C HIS B 68 -12.37 -4.19 0.73
N ALA B 69 -11.56 -4.54 -0.27
CA ALA B 69 -11.77 -5.77 -1.02
C ALA B 69 -11.55 -6.99 -0.14
N LYS B 70 -10.55 -6.94 0.73
CA LYS B 70 -10.29 -8.06 1.62
C LYS B 70 -11.45 -8.28 2.58
N GLU B 71 -12.06 -7.19 3.03
CA GLU B 71 -13.20 -7.27 3.94
C GLU B 71 -14.44 -7.88 3.25
N MET B 72 -14.71 -7.45 2.03
CA MET B 72 -15.82 -8.02 1.26
C MET B 72 -15.56 -9.49 0.98
N ARG B 73 -14.31 -9.84 0.74
CA ARG B 73 -13.92 -11.23 0.57
C ARG B 73 -14.17 -12.04 1.84
N ASP B 74 -14.01 -11.40 3.00
CA ASP B 74 -14.23 -12.11 4.26
C ASP B 74 -15.73 -12.21 4.58
N GLU B 75 -16.53 -11.30 4.04
CA GLU B 75 -17.97 -11.28 4.27
C GLU B 75 -18.71 -12.12 3.25
N GLY B 76 -17.96 -12.73 2.32
CA GLY B 76 -18.53 -13.70 1.42
C GLY B 76 -18.79 -13.24 0.00
N ALA B 77 -18.06 -12.23 -0.46
CA ALA B 77 -18.18 -11.80 -1.84
C ALA B 77 -17.55 -12.83 -2.77
N HIS B 78 -18.16 -13.04 -3.95
CA HIS B 78 -17.66 -13.97 -4.97
C HIS B 78 -16.98 -13.21 -6.10
N ILE B 79 -17.36 -11.95 -6.26
CA ILE B 79 -16.81 -11.06 -7.29
C ILE B 79 -16.61 -9.67 -6.69
N ILE B 80 -15.51 -9.01 -7.06
CA ILE B 80 -15.30 -7.61 -6.66
C ILE B 80 -15.56 -6.67 -7.84
N ASP B 81 -16.43 -5.67 -7.64
CA ASP B 81 -16.73 -4.73 -8.70
C ASP B 81 -16.10 -3.36 -8.47
N ILE B 82 -15.27 -2.92 -9.42
CA ILE B 82 -14.45 -1.73 -9.27
C ILE B 82 -14.81 -0.64 -10.27
N GLY B 83 -15.39 0.46 -9.79
CA GLY B 83 -15.93 1.49 -10.67
C GLY B 83 -15.14 2.78 -10.74
N GLY B 84 -14.91 3.26 -11.97
CA GLY B 84 -14.20 4.50 -12.17
C GLY B 84 -15.05 5.71 -11.79
N ALA B 92 -20.23 12.79 -13.82
CA ALA B 92 -18.80 13.07 -13.77
C ALA B 92 -18.16 13.12 -15.16
N LYS B 93 -17.28 14.09 -15.37
CA LYS B 93 -16.60 14.25 -16.65
C LYS B 93 -15.30 13.46 -16.71
N VAL B 94 -15.15 12.67 -17.77
CA VAL B 94 -14.23 11.55 -17.79
C VAL B 94 -12.75 11.83 -18.08
N SER B 95 -12.42 11.99 -19.36
CA SER B 95 -11.08 11.73 -19.88
C SER B 95 -10.72 10.28 -19.56
N VAL B 96 -10.73 9.43 -20.58
CA VAL B 96 -10.43 8.02 -20.36
C VAL B 96 -9.01 7.80 -19.82
N GLU B 97 -8.09 8.68 -20.20
CA GLU B 97 -6.72 8.58 -19.72
C GLU B 97 -6.71 8.74 -18.20
N GLU B 98 -7.43 9.76 -17.73
CA GLU B 98 -7.60 10.02 -16.31
C GLU B 98 -8.30 8.89 -15.56
N GLU B 99 -9.30 8.29 -16.19
CA GLU B 99 -10.03 7.19 -15.57
C GLU B 99 -9.14 5.96 -15.46
N ILE B 100 -8.31 5.75 -16.47
CA ILE B 100 -7.42 4.60 -16.51
C ILE B 100 -6.38 4.64 -15.37
N LYS B 101 -5.75 5.79 -15.17
CA LYS B 101 -4.70 5.90 -14.15
C LYS B 101 -5.25 5.79 -12.74
N ARG B 102 -6.56 5.96 -12.59
CA ARG B 102 -7.15 5.82 -11.27
C ARG B 102 -7.57 4.37 -11.06
N VAL B 103 -8.12 3.76 -12.11
CA VAL B 103 -8.70 2.42 -11.94
C VAL B 103 -7.70 1.28 -12.12
N VAL B 104 -6.65 1.52 -12.90
CA VAL B 104 -5.66 0.49 -13.21
C VAL B 104 -4.75 0.08 -12.02
N PRO B 105 -4.23 1.07 -11.25
CA PRO B 105 -3.50 0.68 -10.03
C PRO B 105 -4.37 -0.12 -9.04
N MET B 106 -5.65 0.22 -8.95
CA MET B 106 -6.54 -0.48 -8.05
C MET B 106 -6.77 -1.93 -8.46
N ILE B 107 -7.04 -2.15 -9.73
CA ILE B 107 -7.26 -3.50 -10.25
C ILE B 107 -5.99 -4.34 -10.11
N GLN B 108 -4.85 -3.73 -10.38
CA GLN B 108 -3.57 -4.40 -10.34
C GLN B 108 -3.17 -4.86 -8.94
N ALA B 109 -3.56 -4.07 -7.95
CA ALA B 109 -3.25 -4.36 -6.57
C ALA B 109 -4.27 -5.35 -6.02
N VAL B 110 -5.55 -5.08 -6.29
CA VAL B 110 -6.61 -5.94 -5.79
C VAL B 110 -6.51 -7.34 -6.40
N SER B 111 -6.15 -7.44 -7.67
CA SER B 111 -6.03 -8.73 -8.31
C SER B 111 -4.85 -9.49 -7.72
N LYS B 112 -3.82 -8.74 -7.35
CA LYS B 112 -2.63 -9.33 -6.75
C LYS B 112 -2.94 -9.87 -5.35
N GLU B 113 -3.69 -9.09 -4.58
CA GLU B 113 -3.82 -9.31 -3.14
C GLU B 113 -5.11 -9.99 -2.70
N VAL B 114 -6.09 -10.05 -3.59
CA VAL B 114 -7.38 -10.68 -3.29
C VAL B 114 -7.75 -11.69 -4.37
N LYS B 115 -7.82 -12.96 -3.99
CA LYS B 115 -8.01 -14.01 -4.99
C LYS B 115 -9.49 -14.25 -5.30
N LEU B 116 -10.06 -13.32 -6.06
CA LEU B 116 -11.47 -13.31 -6.46
C LEU B 116 -11.52 -12.69 -7.85
N PRO B 117 -12.48 -13.12 -8.68
CA PRO B 117 -12.64 -12.47 -9.99
C PRO B 117 -13.01 -11.00 -9.83
N ILE B 118 -12.51 -10.17 -10.74
CA ILE B 118 -12.76 -8.73 -10.69
C ILE B 118 -13.50 -8.23 -11.93
N SER B 119 -14.58 -7.50 -11.72
CA SER B 119 -15.25 -6.85 -12.83
C SER B 119 -14.96 -5.37 -12.84
N ILE B 120 -14.62 -4.87 -14.02
CA ILE B 120 -14.42 -3.44 -14.23
C ILE B 120 -15.71 -2.75 -14.64
N ASP B 121 -16.23 -1.91 -13.75
CA ASP B 121 -17.46 -1.19 -14.04
C ASP B 121 -17.17 -0.02 -14.98
N THR B 122 -17.36 -0.25 -16.28
CA THR B 122 -17.18 0.83 -17.26
C THR B 122 -17.97 0.62 -18.54
N TYR B 123 -18.27 1.72 -19.23
CA TYR B 123 -18.95 1.65 -20.54
C TYR B 123 -18.02 2.12 -21.66
N LYS B 124 -16.71 2.12 -21.40
CA LYS B 124 -15.73 2.62 -22.34
C LYS B 124 -14.79 1.52 -22.80
N ALA B 125 -14.61 1.44 -24.11
CA ALA B 125 -13.80 0.39 -24.70
C ALA B 125 -12.35 0.43 -24.23
N GLU B 126 -11.75 1.61 -24.21
CA GLU B 126 -10.34 1.73 -23.82
C GLU B 126 -10.10 1.42 -22.34
N VAL B 127 -10.99 1.90 -21.49
CA VAL B 127 -10.92 1.62 -20.07
C VAL B 127 -11.03 0.12 -19.83
N ALA B 128 -12.02 -0.50 -20.46
CA ALA B 128 -12.25 -1.93 -20.29
C ALA B 128 -11.04 -2.75 -20.74
N LYS B 129 -10.43 -2.36 -21.84
CA LYS B 129 -9.23 -3.03 -22.30
C LYS B 129 -8.06 -2.90 -21.28
N GLN B 130 -7.76 -1.68 -20.83
CA GLN B 130 -6.66 -1.49 -19.87
C GLN B 130 -6.91 -2.22 -18.57
N ALA B 131 -8.17 -2.27 -18.17
CA ALA B 131 -8.56 -2.86 -16.90
C ALA B 131 -8.30 -4.37 -16.90
N ILE B 132 -8.48 -4.99 -18.06
CA ILE B 132 -8.32 -6.44 -18.17
C ILE B 132 -6.84 -6.79 -18.28
N GLU B 133 -6.11 -5.93 -18.98
CA GLU B 133 -4.66 -6.08 -19.06
C GLU B 133 -4.04 -5.93 -17.68
N ALA B 134 -4.61 -5.00 -16.89
CA ALA B 134 -4.25 -4.79 -15.49
C ALA B 134 -4.74 -5.93 -14.62
N GLY B 135 -5.67 -6.73 -15.14
CA GLY B 135 -6.03 -7.97 -14.45
C GLY B 135 -7.48 -8.19 -14.10
N ALA B 136 -8.40 -7.34 -14.57
CA ALA B 136 -9.83 -7.62 -14.38
C ALA B 136 -10.25 -8.83 -15.21
N HIS B 137 -11.37 -9.46 -14.82
CA HIS B 137 -11.83 -10.70 -15.46
C HIS B 137 -13.17 -10.56 -16.17
N ILE B 138 -13.95 -9.56 -15.78
CA ILE B 138 -15.32 -9.42 -16.25
C ILE B 138 -15.54 -7.96 -16.63
N ILE B 139 -16.34 -7.71 -17.68
CA ILE B 139 -16.74 -6.33 -17.99
C ILE B 139 -18.16 -6.11 -17.55
N ASN B 140 -18.40 -4.97 -16.90
CA ASN B 140 -19.73 -4.65 -16.42
C ASN B 140 -20.15 -3.28 -16.96
N ASP B 141 -21.03 -3.29 -17.95
CA ASP B 141 -21.34 -2.10 -18.73
C ASP B 141 -22.75 -1.60 -18.49
N ILE B 142 -22.86 -0.45 -17.81
CA ILE B 142 -24.17 0.19 -17.60
C ILE B 142 -24.87 0.68 -18.89
N TRP B 143 -24.19 0.61 -20.03
CA TRP B 143 -24.84 1.02 -21.29
C TRP B 143 -25.11 -0.12 -22.25
N GLY B 144 -24.69 -1.33 -21.86
CA GLY B 144 -24.93 -2.50 -22.67
C GLY B 144 -24.33 -2.40 -24.06
N ALA B 145 -23.06 -2.03 -24.09
CA ALA B 145 -22.30 -1.87 -25.33
C ALA B 145 -22.93 -0.92 -26.31
N LYS B 146 -23.76 -0.01 -25.82
CA LYS B 146 -24.45 0.91 -26.72
C LYS B 146 -23.78 2.28 -26.81
N ALA B 147 -23.05 2.65 -25.75
CA ALA B 147 -22.32 3.91 -25.77
C ALA B 147 -21.06 3.77 -26.61
N GLU B 148 -20.35 2.67 -26.42
CA GLU B 148 -19.17 2.34 -27.22
C GLU B 148 -19.22 0.88 -27.63
N PRO B 149 -19.69 0.61 -28.86
CA PRO B 149 -19.83 -0.78 -29.29
C PRO B 149 -18.48 -1.50 -29.32
N LYS B 150 -17.40 -0.75 -29.43
CA LYS B 150 -16.06 -1.32 -29.38
C LYS B 150 -15.77 -2.14 -28.12
N ILE B 151 -16.55 -1.93 -27.07
CA ILE B 151 -16.35 -2.67 -25.82
C ILE B 151 -16.67 -4.15 -26.04
N ALA B 152 -17.61 -4.41 -26.93
CA ALA B 152 -17.99 -5.78 -27.27
C ALA B 152 -16.82 -6.52 -27.87
N GLU B 153 -16.13 -5.88 -28.81
CA GLU B 153 -14.92 -6.46 -29.39
C GLU B 153 -13.88 -6.72 -28.33
N VAL B 154 -13.73 -5.77 -27.41
CA VAL B 154 -12.73 -5.91 -26.34
C VAL B 154 -13.08 -7.16 -25.55
N ALA B 155 -14.36 -7.30 -25.22
CA ALA B 155 -14.83 -8.49 -24.52
C ALA B 155 -14.54 -9.76 -25.32
N ALA B 156 -14.60 -9.66 -26.65
CA ALA B 156 -14.46 -10.85 -27.49
C ALA B 156 -13.00 -11.23 -27.62
N HIS B 157 -12.17 -10.21 -27.82
CA HIS B 157 -10.76 -10.44 -27.98
C HIS B 157 -10.19 -11.15 -26.74
N TYR B 158 -10.57 -10.69 -25.56
CA TYR B 158 -10.04 -11.24 -24.30
C TYR B 158 -10.82 -12.43 -23.80
N ASP B 159 -11.96 -12.69 -24.44
CA ASP B 159 -12.83 -13.83 -24.13
C ASP B 159 -13.33 -13.81 -22.70
N VAL B 160 -13.85 -12.66 -22.28
CA VAL B 160 -14.31 -12.46 -20.91
C VAL B 160 -15.82 -12.24 -20.86
N PRO B 161 -16.44 -12.60 -19.72
CA PRO B 161 -17.87 -12.36 -19.51
C PRO B 161 -18.18 -10.87 -19.51
N ILE B 162 -19.26 -10.48 -20.16
CA ILE B 162 -19.65 -9.08 -20.15
C ILE B 162 -21.09 -9.00 -19.68
N ILE B 163 -21.35 -8.08 -18.77
CA ILE B 163 -22.69 -7.85 -18.25
C ILE B 163 -23.28 -6.72 -19.05
N LEU B 164 -24.46 -6.94 -19.62
CA LEU B 164 -25.09 -5.94 -20.45
C LEU B 164 -26.28 -5.41 -19.70
N MET B 165 -26.22 -4.15 -19.32
CA MET B 165 -27.27 -3.59 -18.49
C MET B 165 -28.28 -2.87 -19.36
N HIS B 166 -29.56 -3.01 -19.03
CA HIS B 166 -30.56 -2.20 -19.69
C HIS B 166 -30.41 -0.73 -19.31
N ASN B 167 -30.48 0.15 -20.31
CA ASN B 167 -30.36 1.58 -20.10
C ASN B 167 -30.82 2.29 -21.38
N ARG B 168 -31.40 3.47 -21.25
CA ARG B 168 -31.82 4.26 -22.40
C ARG B 168 -31.87 5.75 -22.03
N ASP B 169 -32.06 6.62 -23.02
CA ASP B 169 -31.95 8.05 -22.77
C ASP B 169 -33.25 8.70 -22.29
N ASN B 170 -34.31 7.90 -22.22
CA ASN B 170 -35.63 8.41 -21.86
C ASN B 170 -36.37 7.43 -20.95
N MET B 171 -37.54 7.83 -20.49
CA MET B 171 -38.38 6.98 -19.65
C MET B 171 -39.74 6.78 -20.30
N ASN B 172 -39.76 6.70 -21.64
CA ASN B 172 -41.00 6.57 -22.40
C ASN B 172 -41.27 5.15 -22.88
N TYR B 173 -41.95 4.38 -22.06
CA TYR B 173 -42.21 2.97 -22.34
C TYR B 173 -43.68 2.73 -22.70
N ARG B 174 -43.92 1.92 -23.74
CA ARG B 174 -45.27 1.49 -24.10
C ARG B 174 -45.64 0.24 -23.32
N ASN B 175 -44.65 -0.61 -23.10
CA ASN B 175 -44.78 -1.84 -22.34
C ASN B 175 -43.42 -2.08 -21.70
N LEU B 176 -43.32 -1.76 -20.41
CA LEU B 176 -42.00 -1.66 -19.76
C LEU B 176 -41.12 -2.89 -19.98
N MET B 177 -41.62 -4.07 -19.60
CA MET B 177 -40.83 -5.29 -19.71
C MET B 177 -40.51 -5.68 -21.15
N ALA B 178 -41.46 -5.40 -22.03
CA ALA B 178 -41.31 -5.73 -23.44
C ALA B 178 -40.26 -4.81 -24.03
N ASP B 179 -40.36 -3.54 -23.68
CA ASP B 179 -39.37 -2.55 -24.12
C ASP B 179 -37.96 -2.85 -23.59
N MET B 180 -37.87 -3.25 -22.33
CA MET B 180 -36.59 -3.64 -21.74
C MET B 180 -35.98 -4.85 -22.44
N ILE B 181 -36.81 -5.86 -22.72
CA ILE B 181 -36.33 -7.06 -23.40
C ILE B 181 -35.87 -6.75 -24.81
N ALA B 182 -36.64 -5.93 -25.51
CA ALA B 182 -36.26 -5.45 -26.82
C ALA B 182 -34.92 -4.71 -26.75
N ASP B 183 -34.83 -3.74 -25.84
CA ASP B 183 -33.57 -3.04 -25.60
C ASP B 183 -32.44 -4.01 -25.26
N LEU B 184 -32.71 -4.96 -24.36
CA LEU B 184 -31.69 -5.95 -24.03
C LEU B 184 -31.20 -6.78 -25.23
N TYR B 185 -32.11 -7.24 -26.10
CA TYR B 185 -31.70 -7.99 -27.29
CA TYR B 185 -31.65 -8.02 -27.25
C TYR B 185 -30.81 -7.17 -28.19
N ASP B 186 -31.13 -5.89 -28.34
CA ASP B 186 -30.25 -5.00 -29.11
C ASP B 186 -28.81 -5.03 -28.58
N SER B 187 -28.64 -5.08 -27.26
CA SER B 187 -27.29 -5.16 -26.69
C SER B 187 -26.68 -6.52 -27.04
N ILE B 188 -27.49 -7.57 -26.93
CA ILE B 188 -27.04 -8.92 -27.22
C ILE B 188 -26.57 -9.03 -28.66
N LYS B 189 -27.33 -8.42 -29.56
CA LYS B 189 -27.00 -8.43 -30.98
C LYS B 189 -25.63 -7.81 -31.24
N ILE B 190 -25.35 -6.68 -30.59
CA ILE B 190 -24.07 -5.99 -30.73
C ILE B 190 -22.90 -6.84 -30.21
N ALA B 191 -23.11 -7.49 -29.06
CA ALA B 191 -22.09 -8.36 -28.47
C ALA B 191 -21.74 -9.53 -29.39
N LYS B 192 -22.76 -10.27 -29.84
CA LYS B 192 -22.53 -11.45 -30.67
C LYS B 192 -21.98 -11.08 -32.03
N ASP B 193 -22.46 -9.97 -32.59
CA ASP B 193 -21.93 -9.44 -33.85
C ASP B 193 -20.43 -9.12 -33.75
N ALA B 194 -19.98 -8.85 -32.53
CA ALA B 194 -18.56 -8.61 -32.29
C ALA B 194 -17.82 -9.92 -32.07
N GLY B 195 -18.52 -10.93 -31.55
CA GLY B 195 -17.94 -12.26 -31.41
C GLY B 195 -18.02 -12.81 -30.00
N VAL B 196 -18.74 -12.13 -29.12
CA VAL B 196 -18.92 -12.63 -27.77
C VAL B 196 -19.75 -13.91 -27.82
N ARG B 197 -19.29 -14.98 -27.19
CA ARG B 197 -20.00 -16.27 -27.18
C ARG B 197 -21.11 -16.20 -26.15
N ASP B 198 -22.22 -16.90 -26.40
CA ASP B 198 -23.37 -16.88 -25.48
C ASP B 198 -23.01 -17.14 -24.00
N GLU B 199 -22.02 -17.99 -23.76
CA GLU B 199 -21.57 -18.34 -22.42
C GLU B 199 -20.97 -17.14 -21.68
N ASN B 200 -20.55 -16.14 -22.44
CA ASN B 200 -19.94 -14.94 -21.88
C ASN B 200 -20.88 -13.75 -21.83
N ILE B 201 -22.19 -14.00 -21.90
CA ILE B 201 -23.16 -12.92 -21.82
C ILE B 201 -23.99 -13.00 -20.52
N ILE B 202 -24.14 -11.86 -19.86
CA ILE B 202 -24.95 -11.73 -18.65
C ILE B 202 -25.81 -10.49 -18.82
N LEU B 203 -26.99 -10.47 -18.22
CA LEU B 203 -27.95 -9.41 -18.47
C LEU B 203 -28.36 -8.78 -17.15
N ASP B 204 -28.78 -7.53 -17.21
CA ASP B 204 -29.05 -6.75 -16.01
C ASP B 204 -30.22 -5.83 -16.31
N PRO B 205 -31.29 -5.94 -15.52
CA PRO B 205 -32.50 -5.11 -15.70
C PRO B 205 -32.26 -3.61 -15.58
N GLY B 206 -31.12 -3.23 -15.03
CA GLY B 206 -30.79 -1.83 -14.84
C GLY B 206 -31.79 -1.07 -13.98
N ILE B 207 -32.20 -1.67 -12.86
CA ILE B 207 -33.08 -1.00 -11.92
C ILE B 207 -32.40 0.27 -11.40
N GLY B 208 -33.15 1.36 -11.30
CA GLY B 208 -32.60 2.62 -10.85
C GLY B 208 -32.04 3.47 -11.98
N PHE B 209 -32.05 2.92 -13.19
CA PHE B 209 -31.58 3.63 -14.38
C PHE B 209 -32.71 3.82 -15.40
N ALA B 210 -32.93 5.07 -15.82
CA ALA B 210 -33.92 5.39 -16.84
C ALA B 210 -35.32 4.89 -16.50
N LYS B 211 -35.63 4.84 -15.21
CA LYS B 211 -36.93 4.35 -14.74
C LYS B 211 -37.45 5.22 -13.59
N THR B 212 -38.75 5.51 -13.64
CA THR B 212 -39.44 6.16 -12.54
C THR B 212 -39.48 5.18 -11.36
N PRO B 213 -39.71 5.68 -10.14
CA PRO B 213 -39.82 4.77 -8.99
C PRO B 213 -40.86 3.68 -9.23
N GLU B 214 -42.01 4.07 -9.78
CA GLU B 214 -43.08 3.14 -10.07
C GLU B 214 -42.67 2.10 -11.12
N GLN B 215 -41.98 2.55 -12.15
CA GLN B 215 -41.46 1.65 -13.16
C GLN B 215 -40.49 0.66 -12.55
N ASN B 216 -39.65 1.14 -11.62
CA ASN B 216 -38.69 0.28 -10.93
C ASN B 216 -39.38 -0.84 -10.13
N LEU B 217 -40.46 -0.49 -9.44
CA LEU B 217 -41.28 -1.48 -8.74
C LEU B 217 -41.83 -2.51 -9.73
N GLU B 218 -42.32 -2.01 -10.86
CA GLU B 218 -42.91 -2.85 -11.88
C GLU B 218 -41.91 -3.85 -12.46
N ALA B 219 -40.71 -3.38 -12.77
CA ALA B 219 -39.68 -4.27 -13.29
C ALA B 219 -39.30 -5.34 -12.28
N MET B 220 -39.16 -4.96 -11.01
CA MET B 220 -38.91 -5.93 -9.93
C MET B 220 -40.00 -7.02 -9.89
N ARG B 221 -41.24 -6.58 -9.99
CA ARG B 221 -42.40 -7.45 -9.96
C ARG B 221 -42.41 -8.46 -11.12
N ASN B 222 -41.89 -8.05 -12.28
CA ASN B 222 -41.90 -8.89 -13.47
C ASN B 222 -40.54 -9.37 -13.94
N LEU B 223 -39.55 -9.35 -13.04
CA LEU B 223 -38.17 -9.71 -13.36
C LEU B 223 -38.03 -11.09 -13.99
N GLU B 224 -38.90 -12.02 -13.63
CA GLU B 224 -38.83 -13.39 -14.13
C GLU B 224 -39.01 -13.48 -15.65
N GLN B 225 -39.56 -12.44 -16.26
CA GLN B 225 -39.76 -12.46 -17.72
C GLN B 225 -38.43 -12.46 -18.44
N LEU B 226 -37.41 -11.87 -17.82
CA LEU B 226 -36.09 -11.73 -18.43
C LEU B 226 -35.48 -13.08 -18.67
N ASN B 227 -35.91 -14.03 -17.86
CA ASN B 227 -35.43 -15.40 -17.96
C ASN B 227 -35.63 -16.08 -19.31
N VAL B 228 -36.62 -15.63 -20.08
CA VAL B 228 -36.90 -16.27 -21.37
C VAL B 228 -35.80 -16.03 -22.39
N LEU B 229 -34.96 -15.03 -22.17
CA LEU B 229 -33.90 -14.77 -23.14
C LEU B 229 -32.77 -15.77 -23.03
N GLY B 230 -32.73 -16.51 -21.93
CA GLY B 230 -31.77 -17.60 -21.80
C GLY B 230 -30.37 -17.25 -21.30
N TYR B 231 -30.19 -16.06 -20.74
CA TYR B 231 -28.89 -15.69 -20.16
C TYR B 231 -29.00 -15.47 -18.66
N PRO B 232 -27.89 -15.71 -17.92
CA PRO B 232 -27.90 -15.44 -16.48
C PRO B 232 -28.25 -13.98 -16.23
N VAL B 233 -28.96 -13.70 -15.14
CA VAL B 233 -29.38 -12.35 -14.82
C VAL B 233 -28.69 -11.83 -13.54
N LEU B 234 -28.15 -10.61 -13.61
CA LEU B 234 -27.55 -9.97 -12.44
C LEU B 234 -28.50 -8.89 -12.00
N LEU B 235 -28.92 -8.94 -10.75
CA LEU B 235 -29.72 -7.87 -10.17
C LEU B 235 -28.90 -6.94 -9.27
N GLY B 236 -29.00 -5.63 -9.53
CA GLY B 236 -28.26 -4.66 -8.74
C GLY B 236 -29.13 -3.48 -8.34
N THR B 237 -29.65 -3.54 -7.11
CA THR B 237 -30.59 -2.55 -6.60
C THR B 237 -30.09 -1.86 -5.33
N SER B 238 -28.89 -2.23 -4.88
CA SER B 238 -28.36 -1.82 -3.58
C SER B 238 -28.48 -0.32 -3.32
N ARG B 239 -29.32 0.04 -2.34
CA ARG B 239 -29.42 1.41 -1.83
C ARG B 239 -29.96 2.48 -2.80
N LYS B 240 -30.60 2.05 -3.88
CA LYS B 240 -31.01 2.97 -4.93
C LYS B 240 -32.17 3.87 -4.52
N SER B 241 -32.36 4.93 -5.29
CA SER B 241 -33.39 5.92 -5.02
C SER B 241 -34.81 5.35 -4.84
N PHE B 242 -35.14 4.27 -5.54
CA PHE B 242 -36.53 3.81 -5.47
C PHE B 242 -36.86 3.18 -4.12
N ILE B 243 -35.85 2.64 -3.46
CA ILE B 243 -36.01 2.09 -2.13
C ILE B 243 -36.29 3.20 -1.13
N GLY B 244 -35.58 4.31 -1.30
CA GLY B 244 -35.82 5.47 -0.47
C GLY B 244 -37.17 6.08 -0.74
N HIS B 245 -37.61 6.04 -1.99
CA HIS B 245 -38.90 6.64 -2.34
C HIS B 245 -40.03 5.89 -1.66
N VAL B 246 -39.84 4.58 -1.51
CA VAL B 246 -40.84 3.72 -0.90
C VAL B 246 -40.79 3.79 0.62
N LEU B 247 -39.61 3.61 1.19
CA LEU B 247 -39.46 3.60 2.65
C LEU B 247 -39.33 4.98 3.26
N ASP B 248 -39.11 5.99 2.42
CA ASP B 248 -38.78 7.32 2.89
C ASP B 248 -37.57 7.28 3.85
N LEU B 249 -36.45 6.76 3.36
CA LEU B 249 -35.26 6.61 4.18
C LEU B 249 -34.00 7.01 3.41
N PRO B 250 -33.02 7.60 4.13
CA PRO B 250 -31.77 8.06 3.51
C PRO B 250 -30.85 6.93 3.09
N VAL B 251 -29.86 7.24 2.26
CA VAL B 251 -28.97 6.26 1.62
C VAL B 251 -28.34 5.25 2.59
N GLU B 252 -28.17 5.62 3.85
CA GLU B 252 -27.51 4.75 4.80
C GLU B 252 -28.50 3.84 5.55
N GLU B 253 -29.79 4.06 5.33
CA GLU B 253 -30.85 3.34 6.04
C GLU B 253 -31.67 2.43 5.11
N ARG B 254 -31.07 1.95 4.03
CA ARG B 254 -31.79 1.19 3.02
C ARG B 254 -31.35 -0.28 2.96
N LEU B 255 -30.85 -0.79 4.07
CA LEU B 255 -30.37 -2.16 4.12
C LEU B 255 -31.53 -3.16 4.09
N GLU B 256 -32.60 -2.83 4.80
CA GLU B 256 -33.79 -3.66 4.82
C GLU B 256 -34.47 -3.64 3.46
N GLY B 257 -34.64 -2.46 2.89
CA GLY B 257 -35.18 -2.32 1.56
C GLY B 257 -34.38 -3.10 0.52
N THR B 258 -33.06 -2.94 0.55
CA THR B 258 -32.17 -3.64 -0.37
C THR B 258 -32.39 -5.15 -0.21
N GLY B 259 -32.52 -5.58 1.04
CA GLY B 259 -32.73 -6.99 1.35
C GLY B 259 -33.97 -7.58 0.69
N ALA B 260 -35.07 -6.84 0.73
CA ALA B 260 -36.31 -7.26 0.08
C ALA B 260 -36.07 -7.42 -1.41
N THR B 261 -35.46 -6.43 -2.03
CA THR B 261 -35.20 -6.48 -3.48
C THR B 261 -34.32 -7.68 -3.86
N VAL B 262 -33.32 -7.96 -3.04
CA VAL B 262 -32.49 -9.15 -3.24
C VAL B 262 -33.29 -10.45 -3.09
N CYS B 263 -34.14 -10.53 -2.07
CA CYS B 263 -34.96 -11.71 -1.87
C CYS B 263 -35.93 -11.96 -3.02
N LEU B 264 -36.59 -10.90 -3.48
CA LEU B 264 -37.55 -11.03 -4.56
C LEU B 264 -36.82 -11.39 -5.86
N GLY B 265 -35.66 -10.77 -6.06
CA GLY B 265 -34.87 -11.00 -7.26
C GLY B 265 -34.41 -12.43 -7.37
N ILE B 266 -34.03 -13.03 -6.24
CA ILE B 266 -33.54 -14.39 -6.24
C ILE B 266 -34.69 -15.34 -6.49
N GLU B 267 -35.84 -15.00 -5.92
CA GLU B 267 -37.04 -15.79 -6.16
C GLU B 267 -37.48 -15.76 -7.63
N LYS B 268 -37.36 -14.61 -8.30
CA LYS B 268 -37.58 -14.53 -9.74
C LYS B 268 -36.41 -15.10 -10.53
N GLY B 269 -35.45 -15.75 -9.86
CA GLY B 269 -34.42 -16.51 -10.56
C GLY B 269 -33.16 -15.83 -11.05
N CYS B 270 -32.79 -14.70 -10.45
CA CYS B 270 -31.55 -14.01 -10.81
CA CYS B 270 -31.55 -14.03 -10.84
C CYS B 270 -30.33 -14.81 -10.34
N GLU B 271 -29.23 -14.73 -11.10
CA GLU B 271 -28.03 -15.50 -10.78
C GLU B 271 -27.02 -14.75 -9.89
N PHE B 272 -26.88 -13.45 -10.10
CA PHE B 272 -25.97 -12.63 -9.29
C PHE B 272 -26.75 -11.53 -8.63
N VAL B 273 -26.21 -11.01 -7.53
CA VAL B 273 -26.65 -9.73 -6.99
C VAL B 273 -25.43 -8.84 -6.66
N ARG B 274 -25.53 -7.58 -7.04
CA ARG B 274 -24.48 -6.59 -6.85
C ARG B 274 -24.87 -5.67 -5.71
N VAL B 275 -24.10 -5.72 -4.61
CA VAL B 275 -24.52 -5.10 -3.35
C VAL B 275 -23.35 -4.39 -2.64
N HIS B 276 -23.67 -3.38 -1.82
CA HIS B 276 -22.67 -2.76 -0.94
C HIS B 276 -22.46 -3.56 0.33
N ASP B 277 -23.54 -4.11 0.86
CA ASP B 277 -23.53 -4.75 2.18
C ASP B 277 -23.37 -6.26 2.07
N VAL B 278 -22.15 -6.71 1.83
CA VAL B 278 -21.91 -8.11 1.50
C VAL B 278 -22.34 -9.09 2.58
N LYS B 279 -21.98 -8.84 3.84
CA LYS B 279 -22.31 -9.78 4.93
C LYS B 279 -23.81 -10.06 5.07
N GLU B 280 -24.60 -8.99 5.15
CA GLU B 280 -26.05 -9.12 5.32
C GLU B 280 -26.76 -9.77 4.11
N MET B 281 -26.45 -9.28 2.92
CA MET B 281 -27.05 -9.81 1.70
C MET B 281 -26.62 -11.24 1.42
N SER B 282 -25.42 -11.61 1.87
CA SER B 282 -24.94 -12.98 1.65
C SER B 282 -25.69 -13.99 2.52
N ARG B 283 -26.03 -13.60 3.73
CA ARG B 283 -26.82 -14.42 4.64
C ARG B 283 -28.26 -14.54 4.16
N MET B 284 -28.81 -13.42 3.70
CA MET B 284 -30.16 -13.42 3.16
C MET B 284 -30.24 -14.32 1.92
N ALA B 285 -29.28 -14.15 1.02
CA ALA B 285 -29.23 -14.91 -0.22
C ALA B 285 -29.15 -16.39 0.07
N LYS B 286 -28.31 -16.73 1.04
CA LYS B 286 -28.06 -18.12 1.38
C LYS B 286 -29.30 -18.77 1.97
N MET B 287 -30.13 -17.97 2.63
CA MET B 287 -31.38 -18.47 3.18
C MET B 287 -32.43 -18.60 2.08
N MET B 288 -32.48 -17.62 1.17
CA MET B 288 -33.36 -17.70 0.00
C MET B 288 -33.06 -18.92 -0.85
N ASP B 289 -31.78 -19.10 -1.19
CA ASP B 289 -31.32 -20.26 -1.95
C ASP B 289 -31.83 -21.56 -1.34
N ALA B 290 -31.77 -21.62 -0.02
CA ALA B 290 -32.16 -22.83 0.69
C ALA B 290 -33.65 -23.10 0.61
N MET B 291 -34.46 -22.04 0.62
CA MET B 291 -35.90 -22.23 0.61
C MET B 291 -36.37 -22.60 -0.80
N ILE B 292 -35.81 -21.96 -1.81
CA ILE B 292 -36.25 -22.19 -3.18
C ILE B 292 -35.61 -23.45 -3.77
N GLY B 293 -34.68 -24.05 -3.03
CA GLY B 293 -34.10 -25.33 -3.37
C GLY B 293 -33.02 -25.25 -4.44
N LYS B 294 -31.98 -24.47 -4.16
CA LYS B 294 -30.94 -24.15 -5.13
C LYS B 294 -29.56 -24.60 -4.63
S SO4 C . 23.05 2.28 3.35
O1 SO4 C . 24.33 2.61 2.73
O2 SO4 C . 23.29 1.78 4.70
O3 SO4 C . 22.38 1.24 2.56
O4 SO4 C . 22.23 3.48 3.44
S SO4 D . 0.80 -6.67 10.77
O1 SO4 D . 1.22 -5.35 11.24
O2 SO4 D . 1.03 -7.68 11.80
O3 SO4 D . -0.62 -6.62 10.44
O4 SO4 D . 1.55 -7.02 9.57
S SO4 E . 31.93 -2.20 -2.85
O1 SO4 E . 33.29 -2.71 -2.85
O2 SO4 E . 31.35 -2.28 -1.51
O3 SO4 E . 31.11 -3.01 -3.75
O4 SO4 E . 31.94 -0.81 -3.31
S SO4 F . 18.18 -6.62 1.08
O1 SO4 F . 18.06 -5.94 2.38
O2 SO4 F . 18.93 -5.77 0.17
O3 SO4 F . 16.85 -6.88 0.54
O4 SO4 F . 18.87 -7.90 1.25
S SO4 G . 35.52 -17.72 0.73
O1 SO4 G . 36.08 -16.36 0.66
O2 SO4 G . 36.00 -18.37 1.95
O3 SO4 G . 34.05 -17.68 0.71
O4 SO4 G . 35.97 -18.48 -0.45
O 2O8 H . 22.17 -20.13 6.81
C01 2O8 H . 25.40 -17.09 7.13
C02 2O8 H . 25.10 -16.29 8.22
N 2O8 H . 21.17 -18.44 5.62
C03 2O8 H . 22.16 -18.95 6.52
F01 2O8 H . 25.57 -14.76 11.30
F02 2O8 H . 27.68 -15.17 11.06
F 2O8 H . 26.26 -16.78 10.92
C04 2O8 H . 26.47 -15.50 10.66
C05 2O8 H . 23.82 -16.38 8.76
S 2O8 H . 26.30 -15.21 8.92
C06 2O8 H . 24.45 -17.95 6.58
C07 2O8 H . 23.17 -18.03 7.11
C 2O8 H . 22.87 -17.23 8.21
S SO4 I . -38.70 3.92 10.04
O1 SO4 I . -39.90 4.18 10.83
O2 SO4 I . -37.54 3.80 10.93
O3 SO4 I . -38.49 5.01 9.10
O4 SO4 I . -38.87 2.67 9.30
S SO4 J . -31.46 9.43 -3.16
O1 SO4 J . -30.65 8.23 -2.93
O2 SO4 J . -31.13 10.42 -2.14
O3 SO4 J . -32.88 9.11 -3.06
O4 SO4 J . -31.17 9.97 -4.49
S SO4 K . -4.84 -11.61 3.85
O1 SO4 K . -3.61 -11.09 3.28
O2 SO4 K . -5.31 -10.74 4.93
O3 SO4 K . -4.60 -12.96 4.37
O4 SO4 K . -5.85 -11.69 2.81
S SO4 L . -20.00 1.71 3.25
O1 SO4 L . -18.73 2.23 3.76
O2 SO4 L . -21.08 2.00 4.19
O3 SO4 L . -19.89 0.26 3.08
O4 SO4 L . -20.29 2.34 1.96
S SO4 M . -48.05 -5.78 -13.05
O1 SO4 M . -48.83 -4.70 -12.46
O2 SO4 M . -46.74 -5.85 -12.40
O3 SO4 M . -48.73 -7.06 -12.85
O4 SO4 M . -47.86 -5.55 -14.48
S SO4 N . -23.22 2.43 -7.03
O1 SO4 N . -22.15 2.05 -7.94
O2 SO4 N . -22.64 2.97 -5.80
O3 SO4 N . -24.06 1.26 -6.72
O4 SO4 N . -24.08 3.44 -7.66
O 2O8 O . -25.76 -4.60 11.26
C01 2O8 O . -29.85 -4.13 9.38
C02 2O8 O . -30.39 -5.41 9.44
N 2O8 O . -27.00 -3.79 13.01
C03 2O8 O . -26.87 -4.37 11.71
F01 2O8 O . -30.57 -7.10 6.67
F02 2O8 O . -32.65 -7.61 6.88
F 2O8 O . -31.23 -8.32 8.34
C04 2O8 O . -31.55 -7.30 7.54
C05 2O8 O . -29.76 -6.34 10.25
S 2O8 O . -31.82 -5.84 8.51
C06 2O8 O . -28.72 -3.79 10.12
C07 2O8 O . -28.09 -4.73 10.93
C 2O8 O . -28.63 -6.01 10.97
#